data_7WRV
#
_entry.id   7WRV
#
loop_
_entity.id
_entity.type
_entity.pdbx_description
1 polymer 'Spike glycoprotein'
2 polymer 'JMB2002 Fab heavy chain'
3 polymer 'JMB2002 Fab light chain'
#
loop_
_entity_poly.entity_id
_entity_poly.type
_entity_poly.pdbx_seq_one_letter_code
_entity_poly.pdbx_strand_id
1 'polypeptide(L)'
;MFVFLVLLPLVSSQCVNLTTRTQLPPAYTNSFTRGVYYPDKVFRSSVLHSTQDLFLPFFSNVTWFHVISGTNGTKRFDNP
VLPFNDGVYFASIEKSNIIRGWIFGTTLDSKTQSLLIVNNATNVVIKVCEFQFCNDPFLDHKNNKSWMESEFRVYSSANN
CTFEYVSQPFLMDLEGKQGNFKNLREFVFKNIDGYFKIYSKHTPIIVREPEDLPQGFSALEPLVDLPIGINITRFQTLLA
LHRSYLTPGDSSSGWTAGAAAYYVGYLQPRTFLLKYNENGTITDAVDCALDPLSETKCTLKSFTVEKGIYQTSNFRVQPT
ESIVRFPNITNLCPFDEVFNATRFASVYAWNRKRISNCVADYSVLYNLAPFFTFKCYGVSPTKLNDLCFTNVYADSFVIR
GDEVRQIAPGQTGNIADYNYKLPDDFTGCVIAWNSNKLDSKVSGNYNYLYRLFRKSNLKPFERDISTEIYQAGNKPCNGV
AGFNCYFPLRSYSFRPTYGVGHQPYRVVVLSFELLHAPATVCGPKKSTNLVKNKCVNFNFNGLKGTGVLTESNKKFLPFQ
QFGRDIADTTDAVRDPQTLEILDITPCSFGGVSVITPGTNTSNQVAVLYQGVNCTEVPVAIHADQLTPTWRVYSTGSNVF
QTRAGCLIGAEYVNNSYECDIPIGAGICASYQTQTKSHGSASSVASQSIIAYTMSLGAENSVAYSNNSIAIPTNFTISVT
TEILPVSMTKTSVDCTMYICGDSTECSNLLLQYGSFCTQLKRALTGIAVEQDKNTQEVFAQVKQIYKTPPIKYFGGFNFS
QILPDPSKPSKRSFIEDLLFNKVTLADAGFIKQYGDCLGDIAARDLICAQKFKGLTVLPPLLTDEMIAQYTSALLAGTIT
SGWTFGAGAALQIPFAMQMAYRFNGIGVTQNVLYENQKLIANQFNSAIGKIQDSLSSTASALGKLQDVVNHNAQALNTLV
KQLSSKFGAISSVLNDIFSRLDPPEAEVQIDRLITGRLQSLQTYVTQQLIRAAEIRASANLAATKMSECVLGQSKRVDFC
GKGYHLMSFPQSAPHGVVFLHVTYVPAQEKNFTTAPAICHDGKAHFPREGVFVSNGTHWFVTQRNFYEPQIITTDNTFVS
GNCDVVIGIVNNTVYDPLQPELDSFKEELDKYFKNHTSPDVDLGDISGINASVVNIQKEIDRLNEVAKNLNESLIDLQEL
GKYEQ
;
C
2 'polypeptide(L)'
;QVQLVQSGAEVKKPGSSVKVSCKASGGTFSSYAISWVRQAPGQGLEWMGRIIPIFGTANYAQKFQGRVTITADESTSTAY
MELSSLRSEDTAVYYCASLASYSSGWEDVFDIWGQGTMVTVSSASTKGPSVFPLAPSSKSTSGGTAALGCLVKDYFPEPV
TVSWNSGALTSGVHTFPAVLQSSGLYSLSSVVTVPSSSLGTQTYICNVNHKPSNTKVDKKVEPKSCDKTHTHHHHHH
;
U
3 'polypeptide(L)'
;GDIQMTQSPSSLSASVGDRVTITCRASQGISSWLAWYQQKPGKAPKLLIYDASNLETGVPSRFSGSGSGTDFTFTISSLQ
PEDIATYYCQQYDNLPLTFGGGTKVEIKRTVAAPSVFIFPPSDEQLKSGTASVVCLLNNFYPREAKVQWKVDNALQSGNS
QESVTEQDSKDSTYSLSSTLTLSKADYEKHKVYACEVTHQGLSSPVTKSFNRGEC
;
V
#
# COMPACT_ATOMS: atom_id res chain seq x y z
N ASN A 328 -15.74 -35.39 7.07
CA ASN A 328 -16.94 -35.37 6.20
C ASN A 328 -17.27 -33.94 5.77
N ILE A 329 -16.38 -33.34 4.99
CA ILE A 329 -16.55 -31.98 4.49
C ILE A 329 -16.31 -31.99 2.98
N THR A 330 -16.80 -30.96 2.31
CA THR A 330 -16.71 -30.86 0.86
C THR A 330 -16.16 -29.53 0.34
N ASN A 331 -16.20 -28.46 1.14
CA ASN A 331 -15.76 -27.16 0.66
C ASN A 331 -14.24 -27.06 0.75
N LEU A 332 -13.62 -26.61 -0.34
CA LEU A 332 -12.17 -26.46 -0.37
C LEU A 332 -11.73 -25.29 0.51
N CYS A 333 -10.50 -25.37 1.01
CA CYS A 333 -9.99 -24.32 1.88
C CYS A 333 -9.70 -23.06 1.08
N PRO A 334 -9.73 -21.88 1.72
CA PRO A 334 -9.50 -20.63 0.99
C PRO A 334 -8.03 -20.30 0.81
N PHE A 335 -7.26 -21.25 0.27
CA PHE A 335 -5.85 -20.99 0.01
C PHE A 335 -5.67 -19.99 -1.12
N ASP A 336 -6.65 -19.88 -2.02
CA ASP A 336 -6.52 -18.99 -3.16
C ASP A 336 -6.38 -17.54 -2.72
N GLU A 337 -7.18 -17.13 -1.73
CA GLU A 337 -7.17 -15.75 -1.27
C GLU A 337 -6.01 -15.43 -0.35
N VAL A 338 -5.19 -16.42 0.01
CA VAL A 338 -4.03 -16.21 0.86
C VAL A 338 -2.75 -16.10 0.05
N PHE A 339 -2.59 -16.97 -0.96
CA PHE A 339 -1.35 -16.98 -1.74
C PHE A 339 -1.42 -16.04 -2.94
N ASN A 340 -2.57 -15.97 -3.60
CA ASN A 340 -2.73 -15.15 -4.80
C ASN A 340 -3.19 -13.73 -4.48
N ALA A 341 -3.34 -13.38 -3.21
CA ALA A 341 -3.78 -12.04 -2.85
C ALA A 341 -2.79 -11.00 -3.36
N THR A 342 -3.32 -9.96 -3.99
CA THR A 342 -2.47 -8.88 -4.49
C THR A 342 -1.77 -8.15 -3.36
N ARG A 343 -2.47 -7.91 -2.25
CA ARG A 343 -1.89 -7.23 -1.11
C ARG A 343 -1.32 -8.21 -0.12
N PHE A 344 -0.15 -7.89 0.42
CA PHE A 344 0.46 -8.65 1.50
C PHE A 344 0.88 -7.70 2.62
N ALA A 345 0.63 -8.12 3.86
CA ALA A 345 0.91 -7.28 5.00
C ALA A 345 2.41 -7.14 5.22
N SER A 346 2.79 -6.12 5.98
CA SER A 346 4.18 -5.94 6.35
C SER A 346 4.58 -6.95 7.42
N VAL A 347 5.88 -7.22 7.51
CA VAL A 347 6.37 -8.03 8.61
C VAL A 347 6.03 -7.37 9.94
N TYR A 348 6.10 -6.04 9.98
CA TYR A 348 5.52 -5.27 11.08
C TYR A 348 4.00 -5.35 10.99
N ALA A 349 3.36 -5.88 12.04
CA ALA A 349 1.91 -6.07 12.05
C ALA A 349 1.48 -7.02 10.93
N TRP A 350 2.05 -8.22 10.97
CA TRP A 350 1.75 -9.24 9.98
C TRP A 350 0.32 -9.73 10.11
N ASN A 351 -0.22 -10.22 9.00
CA ASN A 351 -1.59 -10.71 8.95
C ASN A 351 -1.66 -12.15 9.43
N ARG A 352 -2.85 -12.55 9.88
CA ARG A 352 -3.10 -13.91 10.37
C ARG A 352 -4.51 -14.31 9.95
N LYS A 353 -4.61 -15.37 9.15
CA LYS A 353 -5.88 -15.86 8.65
C LYS A 353 -6.15 -17.25 9.21
N ARG A 354 -7.32 -17.44 9.79
CA ARG A 354 -7.71 -18.73 10.35
C ARG A 354 -8.41 -19.57 9.29
N ILE A 355 -8.04 -20.86 9.23
CA ILE A 355 -8.62 -21.80 8.28
C ILE A 355 -9.24 -22.94 9.06
N SER A 356 -10.51 -23.23 8.78
CA SER A 356 -11.21 -24.30 9.49
C SER A 356 -12.37 -24.78 8.63
N ASN A 357 -12.78 -26.02 8.88
CA ASN A 357 -13.94 -26.62 8.22
C ASN A 357 -13.82 -26.52 6.71
N CYS A 358 -12.79 -27.16 6.16
CA CYS A 358 -12.56 -27.15 4.73
C CYS A 358 -11.65 -28.31 4.35
N VAL A 359 -11.63 -28.61 3.06
CA VAL A 359 -10.76 -29.64 2.51
C VAL A 359 -9.48 -28.96 2.04
N ALA A 360 -8.34 -29.37 2.60
CA ALA A 360 -7.06 -28.73 2.30
C ALA A 360 -6.31 -29.61 1.30
N ASP A 361 -6.35 -29.21 0.03
CA ASP A 361 -5.59 -29.86 -1.02
C ASP A 361 -4.35 -29.01 -1.29
N TYR A 362 -3.18 -29.52 -0.90
CA TYR A 362 -1.94 -28.77 -1.01
C TYR A 362 -1.23 -28.98 -2.35
N SER A 363 -1.76 -29.83 -3.22
CA SER A 363 -1.12 -30.05 -4.51
C SER A 363 -1.06 -28.77 -5.33
N VAL A 364 -2.10 -27.96 -5.26
CA VAL A 364 -2.16 -26.71 -6.03
C VAL A 364 -1.06 -25.74 -5.64
N LEU A 365 -0.46 -25.89 -4.46
CA LEU A 365 0.55 -24.95 -4.00
C LEU A 365 1.92 -25.26 -4.59
N TYR A 366 2.48 -26.43 -4.28
CA TYR A 366 3.85 -26.73 -4.69
C TYR A 366 3.93 -27.18 -6.14
N ASN A 367 2.79 -27.43 -6.80
CA ASN A 367 2.84 -27.86 -8.20
C ASN A 367 3.09 -26.68 -9.14
N LEU A 368 2.81 -25.46 -8.71
CA LEU A 368 2.91 -24.30 -9.57
C LEU A 368 4.31 -23.69 -9.53
N ALA A 369 4.67 -23.01 -10.61
CA ALA A 369 6.02 -22.47 -10.75
C ALA A 369 6.37 -21.37 -9.73
N PRO A 370 5.53 -20.37 -9.47
CA PRO A 370 6.03 -19.19 -8.74
C PRO A 370 6.52 -19.47 -7.34
N PHE A 371 6.09 -20.56 -6.70
CA PHE A 371 6.50 -20.87 -5.33
C PHE A 371 7.87 -21.55 -5.36
N PHE A 372 8.91 -20.72 -5.21
CA PHE A 372 10.28 -21.20 -5.34
C PHE A 372 10.67 -22.10 -4.18
N THR A 373 10.41 -21.68 -2.94
CA THR A 373 10.86 -22.40 -1.76
C THR A 373 9.66 -22.85 -0.94
N PHE A 374 9.75 -24.06 -0.38
CA PHE A 374 8.65 -24.64 0.38
C PHE A 374 9.23 -25.69 1.32
N LYS A 375 9.26 -25.39 2.62
CA LYS A 375 9.83 -26.27 3.62
C LYS A 375 8.80 -26.52 4.71
N CYS A 376 8.91 -27.67 5.37
CA CYS A 376 7.98 -28.08 6.42
C CYS A 376 8.75 -28.58 7.63
N TYR A 377 8.13 -28.39 8.81
CA TYR A 377 8.71 -28.83 10.08
C TYR A 377 7.69 -29.68 10.80
N GLY A 378 8.11 -30.88 11.20
CA GLY A 378 7.22 -31.84 11.82
C GLY A 378 6.38 -32.65 10.86
N VAL A 379 6.35 -32.27 9.58
CA VAL A 379 5.62 -33.00 8.56
C VAL A 379 6.41 -32.87 7.26
N SER A 380 5.90 -33.52 6.21
CA SER A 380 6.56 -33.46 4.90
C SER A 380 5.58 -32.97 3.85
N PRO A 381 6.06 -32.30 2.81
CA PRO A 381 5.14 -31.77 1.78
C PRO A 381 4.24 -32.82 1.16
N THR A 382 4.77 -34.02 0.92
CA THR A 382 3.96 -35.07 0.29
C THR A 382 2.91 -35.62 1.23
N LYS A 383 3.17 -35.58 2.54
CA LYS A 383 2.24 -36.12 3.51
C LYS A 383 1.14 -35.13 3.90
N LEU A 384 1.22 -33.89 3.43
CA LEU A 384 0.24 -32.88 3.83
C LEU A 384 -1.17 -33.28 3.38
N ASN A 385 -1.30 -33.80 2.16
CA ASN A 385 -2.60 -34.15 1.61
C ASN A 385 -3.22 -35.37 2.28
N ASP A 386 -2.47 -36.10 3.10
CA ASP A 386 -2.97 -37.30 3.76
C ASP A 386 -3.26 -37.10 5.24
N LEU A 387 -3.06 -35.90 5.78
CA LEU A 387 -3.19 -35.65 7.20
C LEU A 387 -4.48 -34.87 7.51
N CYS A 388 -4.83 -34.85 8.79
CA CYS A 388 -5.93 -34.05 9.30
C CYS A 388 -5.40 -33.10 10.35
N PHE A 389 -5.97 -31.88 10.39
CA PHE A 389 -5.51 -30.84 11.29
C PHE A 389 -6.69 -30.27 12.06
N THR A 390 -6.49 -30.06 13.36
CA THR A 390 -7.53 -29.48 14.21
C THR A 390 -7.68 -27.98 14.02
N ASN A 391 -6.59 -27.28 13.75
CA ASN A 391 -6.64 -25.83 13.49
C ASN A 391 -5.47 -25.45 12.61
N VAL A 392 -5.74 -24.54 11.68
CA VAL A 392 -4.73 -24.09 10.72
C VAL A 392 -4.73 -22.56 10.71
N TYR A 393 -3.54 -21.98 10.74
CA TYR A 393 -3.35 -20.54 10.66
C TYR A 393 -2.40 -20.22 9.51
N ALA A 394 -2.71 -19.17 8.76
CA ALA A 394 -1.92 -18.76 7.60
C ALA A 394 -1.41 -17.34 7.83
N ASP A 395 -0.14 -17.21 8.19
CA ASP A 395 0.49 -15.92 8.39
C ASP A 395 1.22 -15.50 7.12
N SER A 396 1.07 -14.22 6.76
CA SER A 396 1.65 -13.71 5.53
C SER A 396 2.38 -12.41 5.82
N PHE A 397 3.46 -12.17 5.08
CA PHE A 397 4.24 -10.94 5.20
C PHE A 397 5.28 -10.93 4.08
N VAL A 398 6.02 -9.83 4.00
CA VAL A 398 7.04 -9.63 2.97
C VAL A 398 8.36 -9.28 3.65
N ILE A 399 9.42 -9.96 3.23
CA ILE A 399 10.75 -9.77 3.80
C ILE A 399 11.77 -9.78 2.67
N ARG A 400 12.99 -9.35 2.99
CA ARG A 400 14.09 -9.42 2.04
C ARG A 400 14.51 -10.86 1.81
N GLY A 401 15.14 -11.11 0.67
CA GLY A 401 15.54 -12.47 0.33
C GLY A 401 16.48 -13.08 1.36
N ASP A 402 17.47 -12.31 1.82
CA ASP A 402 18.41 -12.81 2.81
C ASP A 402 17.74 -13.10 4.15
N GLU A 403 16.58 -12.49 4.42
CA GLU A 403 15.90 -12.67 5.69
C GLU A 403 14.95 -13.86 5.71
N VAL A 404 14.78 -14.55 4.57
CA VAL A 404 13.95 -15.76 4.57
C VAL A 404 14.56 -16.82 5.48
N ARG A 405 15.90 -16.83 5.59
CA ARG A 405 16.54 -17.76 6.50
C ARG A 405 16.06 -17.58 7.93
N GLN A 406 15.79 -16.35 8.33
CA GLN A 406 15.35 -16.07 9.70
C GLN A 406 13.97 -16.63 10.01
N ILE A 407 13.21 -17.02 8.99
CA ILE A 407 11.88 -17.60 9.21
C ILE A 407 12.02 -19.10 9.41
N ALA A 408 12.31 -19.50 10.65
CA ALA A 408 12.46 -20.91 10.99
C ALA A 408 12.57 -21.02 12.50
N PRO A 409 12.29 -22.19 13.07
CA PRO A 409 12.37 -22.34 14.53
C PRO A 409 13.76 -22.06 15.06
N GLY A 410 13.82 -21.42 16.22
CA GLY A 410 15.08 -21.23 16.91
C GLY A 410 16.07 -20.36 16.19
N GLN A 411 15.63 -19.50 15.28
CA GLN A 411 16.53 -18.61 14.57
C GLN A 411 16.66 -17.28 15.30
N THR A 412 17.65 -16.48 14.88
CA THR A 412 17.92 -15.20 15.48
C THR A 412 18.03 -14.15 14.38
N GLY A 413 17.82 -12.90 14.76
CA GLY A 413 17.87 -11.79 13.84
C GLY A 413 16.72 -10.82 14.07
N ASN A 414 16.76 -9.72 13.31
CA ASN A 414 15.76 -8.67 13.47
C ASN A 414 14.35 -9.21 13.27
N ILE A 415 14.11 -9.90 12.15
CA ILE A 415 12.77 -10.43 11.87
C ILE A 415 12.35 -11.42 12.95
N ALA A 416 13.26 -12.32 13.32
CA ALA A 416 12.93 -13.33 14.33
C ALA A 416 12.75 -12.68 15.70
N ASP A 417 13.65 -11.76 16.07
CA ASP A 417 13.65 -11.23 17.43
C ASP A 417 12.51 -10.25 17.67
N TYR A 418 12.25 -9.36 16.71
CA TYR A 418 11.40 -8.20 16.96
C TYR A 418 10.12 -8.19 16.13
N ASN A 419 10.01 -9.01 15.09
CA ASN A 419 8.88 -8.91 14.17
C ASN A 419 8.04 -10.18 14.13
N TYR A 420 8.69 -11.33 13.96
CA TYR A 420 7.95 -12.58 13.77
C TYR A 420 8.84 -13.73 14.24
N LYS A 421 8.47 -14.37 15.34
CA LYS A 421 9.23 -15.47 15.91
C LYS A 421 8.39 -16.74 15.89
N LEU A 422 9.00 -17.85 15.47
CA LEU A 422 8.33 -19.14 15.48
C LEU A 422 8.65 -19.91 16.75
N PRO A 423 7.75 -20.75 17.24
CA PRO A 423 8.05 -21.53 18.45
C PRO A 423 9.07 -22.63 18.17
N ASP A 424 9.69 -23.10 19.26
CA ASP A 424 10.68 -24.16 19.13
C ASP A 424 10.05 -25.44 18.58
N ASP A 425 8.83 -25.76 19.02
CA ASP A 425 8.10 -26.95 18.58
C ASP A 425 7.18 -26.66 17.40
N PHE A 426 7.52 -25.66 16.59
CA PHE A 426 6.67 -25.26 15.48
C PHE A 426 6.36 -26.45 14.58
N THR A 427 5.07 -26.64 14.31
CA THR A 427 4.59 -27.67 13.39
C THR A 427 3.86 -26.97 12.26
N GLY A 428 4.45 -26.99 11.07
CA GLY A 428 3.87 -26.31 9.94
C GLY A 428 4.87 -26.22 8.80
N CYS A 429 4.57 -25.35 7.85
CA CYS A 429 5.39 -25.16 6.67
C CYS A 429 5.55 -23.67 6.38
N VAL A 430 6.66 -23.33 5.74
CA VAL A 430 6.96 -21.96 5.34
C VAL A 430 7.09 -21.93 3.83
N ILE A 431 6.30 -21.08 3.18
CA ILE A 431 6.33 -20.92 1.72
C ILE A 431 6.77 -19.49 1.43
N ALA A 432 7.87 -19.35 0.69
CA ALA A 432 8.40 -18.05 0.33
C ALA A 432 8.84 -18.08 -1.13
N TRP A 433 8.59 -16.97 -1.83
CA TRP A 433 9.00 -16.86 -3.23
C TRP A 433 9.26 -15.39 -3.54
N ASN A 434 10.04 -15.18 -4.59
CA ASN A 434 10.40 -13.83 -5.00
C ASN A 434 9.20 -13.09 -5.57
N SER A 435 9.02 -11.84 -5.14
CA SER A 435 7.96 -10.97 -5.65
C SER A 435 8.52 -9.61 -6.05
N ASN A 436 9.71 -9.60 -6.64
CA ASN A 436 10.34 -8.34 -7.02
C ASN A 436 9.50 -7.60 -8.06
N LYS A 437 8.89 -8.32 -8.99
CA LYS A 437 8.10 -7.67 -10.03
C LYS A 437 6.91 -6.92 -9.44
N LEU A 438 6.36 -7.40 -8.33
CA LEU A 438 5.16 -6.81 -7.75
C LEU A 438 5.48 -5.76 -6.70
N ASP A 439 6.44 -6.04 -5.81
CA ASP A 439 6.64 -5.27 -4.60
C ASP A 439 7.81 -4.28 -4.70
N SER A 440 8.30 -4.01 -5.90
CA SER A 440 9.45 -3.14 -6.09
C SER A 440 9.12 -1.99 -7.03
N LYS A 441 9.62 -0.80 -6.67
CA LYS A 441 9.51 0.38 -7.52
C LYS A 441 10.85 1.07 -7.57
N VAL A 442 11.10 1.78 -8.67
CA VAL A 442 12.34 2.54 -8.81
C VAL A 442 12.34 3.65 -7.76
N SER A 443 13.25 3.54 -6.79
CA SER A 443 13.35 4.49 -5.69
C SER A 443 11.99 4.67 -5.02
N GLY A 444 11.49 3.57 -4.47
CA GLY A 444 10.22 3.57 -3.79
C GLY A 444 9.98 2.30 -2.99
N ASN A 445 8.76 1.79 -3.03
CA ASN A 445 8.41 0.54 -2.34
C ASN A 445 8.47 0.72 -0.83
N TYR A 446 7.97 1.86 -0.34
CA TYR A 446 7.86 2.08 1.09
C TYR A 446 6.64 1.41 1.69
N ASN A 447 5.99 0.50 0.95
CA ASN A 447 4.79 -0.16 1.45
C ASN A 447 5.09 -1.05 2.65
N TYR A 448 6.31 -1.57 2.73
CA TYR A 448 6.66 -2.62 3.69
C TYR A 448 7.66 -2.06 4.71
N LEU A 449 7.40 -2.33 5.98
CA LEU A 449 8.22 -1.83 7.07
C LEU A 449 8.49 -2.95 8.05
N TYR A 450 9.58 -2.81 8.80
CA TYR A 450 9.96 -3.79 9.81
C TYR A 450 10.47 -3.06 11.05
N ARG A 451 10.32 -3.70 12.20
CA ARG A 451 10.78 -3.14 13.46
C ARG A 451 12.27 -3.43 13.64
N LEU A 452 13.02 -2.39 14.02
CA LEU A 452 14.47 -2.51 14.22
C LEU A 452 14.88 -2.37 15.68
N PHE A 453 14.08 -1.70 16.50
CA PHE A 453 14.40 -1.51 17.91
C PHE A 453 13.28 -2.07 18.77
N ARG A 454 13.65 -2.82 19.80
CA ARG A 454 12.68 -3.31 20.78
C ARG A 454 13.42 -3.63 22.08
N LYS A 455 12.71 -3.44 23.19
CA LYS A 455 13.32 -3.70 24.50
C LYS A 455 13.60 -5.19 24.71
N SER A 456 12.70 -6.06 24.27
CA SER A 456 12.86 -7.49 24.47
C SER A 456 12.37 -8.23 23.24
N ASN A 457 12.88 -9.45 23.06
CA ASN A 457 12.48 -10.27 21.92
C ASN A 457 11.04 -10.73 22.06
N LEU A 458 10.38 -10.87 20.90
CA LEU A 458 8.98 -11.28 20.89
C LEU A 458 8.84 -12.74 21.35
N LYS A 459 7.70 -13.03 21.95
CA LYS A 459 7.30 -14.40 22.21
C LYS A 459 6.82 -15.05 20.91
N PRO A 460 6.75 -16.37 20.87
CA PRO A 460 6.32 -17.04 19.62
C PRO A 460 4.96 -16.51 19.16
N PHE A 461 4.87 -16.23 17.86
CA PHE A 461 3.66 -15.69 17.25
C PHE A 461 3.20 -14.40 17.91
N GLU A 462 4.13 -13.64 18.48
CA GLU A 462 3.80 -12.35 19.07
C GLU A 462 3.59 -11.30 17.98
N ARG A 463 2.79 -10.29 18.31
CA ARG A 463 2.47 -9.21 17.39
C ARG A 463 2.61 -7.88 18.11
N ASP A 464 3.22 -6.90 17.44
CA ASP A 464 3.45 -5.58 18.02
C ASP A 464 3.10 -4.53 16.97
N ILE A 465 2.03 -3.78 17.22
CA ILE A 465 1.63 -2.72 16.30
C ILE A 465 2.04 -1.34 16.79
N SER A 466 2.62 -1.24 17.97
CA SER A 466 2.99 0.06 18.52
C SER A 466 4.18 0.65 17.77
N THR A 467 4.30 1.98 17.85
CA THR A 467 5.42 2.69 17.21
C THR A 467 5.99 3.76 18.12
N GLU A 468 5.97 3.54 19.43
CA GLU A 468 6.48 4.54 20.36
C GLU A 468 7.98 4.73 20.17
N ILE A 469 8.46 5.94 20.48
CA ILE A 469 9.89 6.23 20.34
C ILE A 469 10.68 5.44 21.38
N TYR A 470 11.91 5.08 21.03
CA TYR A 470 12.77 4.26 21.87
C TYR A 470 13.67 5.16 22.71
N GLN A 471 13.11 5.66 23.82
CA GLN A 471 13.81 6.60 24.67
C GLN A 471 15.11 6.00 25.18
N ALA A 472 16.14 6.85 25.32
CA ALA A 472 17.45 6.38 25.74
C ALA A 472 17.46 6.00 27.22
N GLY A 473 16.87 6.84 28.08
CA GLY A 473 16.83 6.61 29.50
C GLY A 473 17.43 7.71 30.34
N ASN A 474 18.55 8.30 29.89
CA ASN A 474 19.16 9.42 30.60
C ASN A 474 18.30 10.68 30.53
N LYS A 475 17.42 10.78 29.53
CA LYS A 475 16.48 11.88 29.41
C LYS A 475 15.25 11.36 28.68
N PRO A 476 14.06 11.82 29.05
CA PRO A 476 12.84 11.31 28.39
C PRO A 476 12.74 11.82 26.97
N CYS A 477 11.91 11.13 26.19
CA CYS A 477 11.73 11.42 24.77
C CYS A 477 10.25 11.63 24.46
N ASN A 478 9.99 12.58 23.56
CA ASN A 478 8.69 12.74 22.94
C ASN A 478 8.73 12.56 21.43
N GLY A 479 9.90 12.67 20.82
CA GLY A 479 10.06 12.40 19.40
C GLY A 479 11.46 11.89 19.15
N VAL A 480 11.70 11.49 17.90
CA VAL A 480 13.01 10.95 17.54
C VAL A 480 14.08 11.99 17.85
N ALA A 481 15.12 11.55 18.55
CA ALA A 481 16.19 12.44 19.00
C ALA A 481 17.51 11.71 18.86
N GLY A 482 18.56 12.26 19.48
CA GLY A 482 19.90 11.74 19.33
C GLY A 482 20.14 10.48 20.16
N PHE A 483 21.37 9.98 20.03
CA PHE A 483 21.80 8.76 20.70
C PHE A 483 20.78 7.64 20.48
N ASN A 484 20.17 7.12 21.55
CA ASN A 484 19.32 5.94 21.43
C ASN A 484 17.86 6.28 21.13
N CYS A 485 17.51 7.57 21.09
CA CYS A 485 16.12 7.97 20.86
C CYS A 485 15.76 7.82 19.38
N TYR A 486 15.62 6.56 18.96
CA TYR A 486 15.37 6.24 17.57
C TYR A 486 13.89 5.94 17.31
N PHE A 487 13.46 6.21 16.08
CA PHE A 487 12.15 5.77 15.64
C PHE A 487 12.18 4.26 15.36
N PRO A 488 11.28 3.49 15.97
CA PRO A 488 11.47 2.02 16.00
C PRO A 488 11.40 1.33 14.64
N LEU A 489 10.63 1.87 13.70
CA LEU A 489 10.36 1.18 12.43
C LEU A 489 11.23 1.73 11.32
N ARG A 490 11.39 0.91 10.28
CA ARG A 490 12.13 1.27 9.08
C ARG A 490 11.54 0.53 7.90
N SER A 491 11.82 1.03 6.70
CA SER A 491 11.26 0.49 5.47
C SER A 491 12.38 -0.10 4.60
N TYR A 492 12.08 -1.23 3.95
CA TYR A 492 13.05 -1.83 3.06
C TYR A 492 13.35 -0.93 1.86
N SER A 493 12.34 -0.29 1.29
CA SER A 493 12.50 0.54 0.09
C SER A 493 13.02 -0.30 -1.08
N PHE A 494 12.25 -1.32 -1.44
CA PHE A 494 12.62 -2.20 -2.53
C PHE A 494 12.69 -1.45 -3.85
N ARG A 495 13.73 -1.70 -4.63
CA ARG A 495 13.85 -1.20 -5.99
C ARG A 495 14.43 -2.27 -6.88
N PRO A 496 14.14 -2.22 -8.19
CA PRO A 496 14.69 -3.24 -9.10
C PRO A 496 16.20 -3.32 -9.09
N THR A 497 16.89 -2.21 -8.82
CA THR A 497 18.35 -2.21 -8.81
C THR A 497 18.95 -3.11 -7.75
N TYR A 498 18.17 -3.49 -6.73
CA TYR A 498 18.69 -4.36 -5.69
C TYR A 498 18.99 -5.76 -6.24
N GLY A 499 19.94 -6.44 -5.59
CA GLY A 499 20.25 -7.80 -5.94
C GLY A 499 19.22 -8.78 -5.40
N VAL A 500 19.40 -10.04 -5.75
CA VAL A 500 18.43 -11.07 -5.36
C VAL A 500 18.29 -11.13 -3.86
N GLY A 501 19.41 -11.00 -3.13
CA GLY A 501 19.36 -11.07 -1.68
C GLY A 501 18.49 -10.01 -1.03
N HIS A 502 18.51 -8.79 -1.54
CA HIS A 502 17.73 -7.69 -0.97
C HIS A 502 16.37 -7.52 -1.62
N GLN A 503 16.05 -8.29 -2.66
CA GLN A 503 14.76 -8.16 -3.32
C GLN A 503 13.64 -8.66 -2.40
N PRO A 504 12.43 -8.15 -2.58
CA PRO A 504 11.32 -8.56 -1.71
C PRO A 504 10.92 -10.00 -1.98
N TYR A 505 10.63 -10.73 -0.91
CA TYR A 505 10.17 -12.11 -0.99
C TYR A 505 8.81 -12.23 -0.30
N ARG A 506 7.84 -12.78 -1.02
CA ARG A 506 6.50 -12.96 -0.50
C ARG A 506 6.43 -14.27 0.26
N VAL A 507 6.05 -14.20 1.54
CA VAL A 507 6.16 -15.33 2.45
C VAL A 507 4.79 -15.65 3.02
N VAL A 508 4.46 -16.94 3.06
CA VAL A 508 3.25 -17.45 3.72
C VAL A 508 3.66 -18.58 4.64
N VAL A 509 3.21 -18.52 5.89
CA VAL A 509 3.54 -19.50 6.92
C VAL A 509 2.26 -20.20 7.34
N LEU A 510 2.26 -21.53 7.26
CA LEU A 510 1.11 -22.33 7.66
C LEU A 510 1.46 -23.05 8.96
N SER A 511 0.59 -22.91 9.96
CA SER A 511 0.74 -23.57 11.25
C SER A 511 -0.34 -24.63 11.42
N PHE A 512 0.02 -25.77 11.98
CA PHE A 512 -0.86 -26.91 12.10
C PHE A 512 -0.95 -27.41 13.54
N GLU A 513 -2.08 -28.03 13.85
CA GLU A 513 -2.27 -28.75 15.10
C GLU A 513 -2.73 -30.17 14.77
N LEU A 514 -2.15 -31.15 15.46
CA LEU A 514 -2.33 -32.55 15.12
C LEU A 514 -2.91 -33.36 16.28
N LEU A 515 -3.89 -32.80 16.99
CA LEU A 515 -4.58 -33.54 18.04
C LEU A 515 -5.67 -34.43 17.43
N HIS A 516 -6.35 -35.18 18.29
CA HIS A 516 -7.38 -36.09 17.84
C HIS A 516 -8.68 -35.32 17.58
N ALA A 517 -9.78 -36.04 17.43
CA ALA A 517 -11.05 -35.40 17.10
C ALA A 517 -11.45 -34.44 18.21
N PRO A 518 -12.14 -33.33 17.90
CA PRO A 518 -12.62 -32.93 16.57
C PRO A 518 -11.51 -32.38 15.68
N ALA A 519 -11.62 -32.58 14.36
CA ALA A 519 -10.66 -32.05 13.40
C ALA A 519 -11.43 -31.33 12.30
N THR A 520 -11.02 -30.10 12.01
CA THR A 520 -11.75 -29.27 11.06
C THR A 520 -11.17 -29.32 9.65
N VAL A 521 -9.87 -29.59 9.51
CA VAL A 521 -9.19 -29.58 8.23
C VAL A 521 -8.66 -30.98 7.94
N CYS A 522 -8.97 -31.50 6.76
CA CYS A 522 -8.49 -32.80 6.33
C CYS A 522 -8.21 -32.75 4.82
N GLY A 523 -7.37 -33.66 4.37
CA GLY A 523 -7.02 -33.74 2.97
C GLY A 523 -8.12 -34.36 2.15
N PRO A 524 -7.97 -34.34 0.82
CA PRO A 524 -9.00 -34.88 -0.09
C PRO A 524 -8.95 -36.41 -0.20
N LYS A 525 -8.99 -37.09 0.95
CA LYS A 525 -8.99 -38.53 0.99
C LYS A 525 -10.41 -39.08 0.93
N LYS A 526 -10.53 -40.38 0.68
CA LYS A 526 -11.83 -41.04 0.60
C LYS A 526 -12.35 -41.37 1.99
N GLN B 1 -8.92 9.58 13.58
CA GLN B 1 -9.20 10.26 12.28
C GLN B 1 -8.06 11.18 11.89
N VAL B 2 -7.98 11.51 10.60
CA VAL B 2 -6.91 12.32 10.06
C VAL B 2 -7.51 13.43 9.21
N GLN B 3 -6.98 14.64 9.37
CA GLN B 3 -7.46 15.80 8.62
C GLN B 3 -6.26 16.62 8.18
N LEU B 4 -6.31 17.11 6.95
CA LEU B 4 -5.28 17.98 6.39
C LEU B 4 -5.87 19.35 6.14
N VAL B 5 -5.19 20.39 6.61
CA VAL B 5 -5.62 21.78 6.45
C VAL B 5 -4.52 22.53 5.72
N GLN B 6 -4.87 23.14 4.58
CA GLN B 6 -3.91 23.86 3.76
C GLN B 6 -3.97 25.36 4.04
N SER B 7 -2.92 26.06 3.62
CA SER B 7 -2.86 27.50 3.83
C SER B 7 -3.73 28.22 2.80
N GLY B 8 -3.64 29.54 2.80
CA GLY B 8 -4.46 30.34 1.92
C GLY B 8 -3.95 30.34 0.48
N ALA B 9 -4.77 30.92 -0.39
CA ALA B 9 -4.43 31.00 -1.81
C ALA B 9 -3.33 32.03 -2.04
N GLU B 10 -2.70 31.97 -3.21
CA GLU B 10 -1.59 32.83 -3.55
C GLU B 10 -1.74 33.33 -4.98
N VAL B 11 -1.35 34.58 -5.21
CA VAL B 11 -1.31 35.18 -6.54
C VAL B 11 0.03 35.88 -6.68
N LYS B 12 0.74 35.62 -7.78
CA LYS B 12 2.09 36.12 -7.97
C LYS B 12 2.33 36.48 -9.43
N LYS B 13 3.34 37.32 -9.64
CA LYS B 13 3.86 37.58 -10.96
C LYS B 13 4.87 36.47 -11.30
N PRO B 14 5.20 36.30 -12.58
CA PRO B 14 6.12 35.22 -12.95
C PRO B 14 7.52 35.46 -12.38
N GLY B 15 8.23 34.34 -12.16
CA GLY B 15 9.58 34.37 -11.64
C GLY B 15 9.68 34.33 -10.13
N SER B 16 8.57 34.36 -9.40
CA SER B 16 8.59 34.31 -7.94
C SER B 16 8.55 32.85 -7.49
N SER B 17 8.30 32.63 -6.20
CA SER B 17 8.20 31.29 -5.63
C SER B 17 7.03 31.24 -4.67
N VAL B 18 6.55 30.02 -4.43
CA VAL B 18 5.42 29.78 -3.54
C VAL B 18 5.88 28.93 -2.37
N LYS B 19 5.25 29.12 -1.22
CA LYS B 19 5.66 28.49 0.03
C LYS B 19 4.43 27.95 0.76
N VAL B 20 3.55 27.27 0.02
CA VAL B 20 2.31 26.76 0.61
C VAL B 20 2.62 25.66 1.62
N SER B 21 1.70 25.47 2.56
CA SER B 21 1.85 24.45 3.60
C SER B 21 0.52 23.76 3.83
N CYS B 22 0.58 22.61 4.49
CA CYS B 22 -0.60 21.89 4.93
C CYS B 22 -0.33 21.28 6.31
N LYS B 23 -1.08 21.74 7.31
CA LYS B 23 -0.88 21.30 8.68
C LYS B 23 -1.64 19.99 8.93
N ALA B 24 -0.93 19.01 9.48
CA ALA B 24 -1.57 17.75 9.86
C ALA B 24 -2.26 17.90 11.21
N SER B 25 -3.46 17.33 11.32
CA SER B 25 -4.25 17.40 12.54
C SER B 25 -4.73 16.01 12.91
N GLY B 26 -4.90 15.78 14.20
CA GLY B 26 -5.31 14.49 14.70
C GLY B 26 -4.18 13.47 14.65
N GLY B 27 -4.31 12.41 15.44
CA GLY B 27 -3.28 11.39 15.45
C GLY B 27 -1.92 11.94 15.84
N THR B 28 -0.87 11.43 15.20
CA THR B 28 0.49 11.87 15.46
C THR B 28 1.23 12.01 14.14
N PHE B 29 2.19 12.94 14.10
CA PHE B 29 2.91 13.20 12.86
C PHE B 29 3.79 12.03 12.45
N SER B 30 4.01 11.07 13.36
CA SER B 30 4.87 9.94 13.07
C SER B 30 4.17 8.90 12.20
N SER B 31 2.97 9.21 11.69
CA SER B 31 2.18 8.25 10.93
C SER B 31 1.68 8.80 9.60
N TYR B 32 2.13 9.98 9.17
CA TYR B 32 1.67 10.58 7.93
C TYR B 32 2.81 10.72 6.93
N ALA B 33 2.48 10.48 5.65
CA ALA B 33 3.34 10.81 4.54
C ALA B 33 2.53 11.66 3.57
N ILE B 34 3.16 12.70 3.01
CA ILE B 34 2.45 13.72 2.25
C ILE B 34 2.93 13.71 0.81
N SER B 35 1.99 13.89 -0.11
CA SER B 35 2.28 14.08 -1.53
C SER B 35 1.50 15.26 -2.05
N TRP B 36 2.05 15.93 -3.07
CA TRP B 36 1.46 17.11 -3.65
C TRP B 36 1.01 16.81 -5.08
N VAL B 37 -0.22 17.20 -5.40
CA VAL B 37 -0.83 16.92 -6.69
C VAL B 37 -1.23 18.23 -7.34
N ARG B 38 -0.85 18.42 -8.61
CA ARG B 38 -1.19 19.61 -9.36
C ARG B 38 -2.40 19.34 -10.25
N GLN B 39 -3.21 20.37 -10.46
CA GLN B 39 -4.38 20.29 -11.34
C GLN B 39 -4.53 21.63 -12.04
N ALA B 40 -4.14 21.70 -13.30
CA ALA B 40 -4.31 22.93 -14.07
C ALA B 40 -5.80 23.18 -14.30
N PRO B 41 -6.19 24.44 -14.56
CA PRO B 41 -7.62 24.74 -14.72
C PRO B 41 -8.25 23.89 -15.80
N GLY B 42 -9.19 23.04 -15.39
CA GLY B 42 -9.96 22.23 -16.32
C GLY B 42 -9.23 21.02 -16.87
N GLN B 43 -8.06 20.68 -16.35
CA GLN B 43 -7.27 19.55 -16.82
C GLN B 43 -7.14 18.50 -15.71
N GLY B 44 -6.46 17.41 -16.05
CA GLY B 44 -6.35 16.29 -15.14
C GLY B 44 -5.33 16.53 -14.04
N LEU B 45 -5.38 15.65 -13.04
CA LEU B 45 -4.47 15.74 -11.92
C LEU B 45 -3.07 15.27 -12.32
N GLU B 46 -2.06 15.90 -11.73
CA GLU B 46 -0.67 15.56 -11.99
C GLU B 46 0.08 15.44 -10.67
N TRP B 47 0.79 14.33 -10.50
CA TRP B 47 1.57 14.11 -9.29
C TRP B 47 2.93 14.80 -9.40
N MET B 48 3.28 15.57 -8.38
CA MET B 48 4.56 16.27 -8.33
C MET B 48 5.65 15.49 -7.60
N GLY B 49 5.43 15.17 -6.33
CA GLY B 49 6.46 14.52 -5.54
C GLY B 49 5.87 13.94 -4.28
N ARG B 50 6.76 13.27 -3.54
CA ARG B 50 6.41 12.60 -2.29
C ARG B 50 7.42 12.97 -1.22
N ILE B 51 6.95 13.06 0.02
CA ILE B 51 7.79 13.35 1.17
C ILE B 51 7.42 12.41 2.29
N ILE B 52 8.42 11.80 2.92
CA ILE B 52 8.25 10.96 4.10
C ILE B 52 9.13 11.56 5.20
N PRO B 53 8.62 12.51 5.99
CA PRO B 53 9.51 13.23 6.92
C PRO B 53 10.25 12.33 7.89
N ILE B 54 9.63 11.25 8.35
CA ILE B 54 10.27 10.42 9.37
C ILE B 54 11.55 9.80 8.84
N PHE B 55 11.52 9.28 7.62
CA PHE B 55 12.71 8.72 6.99
C PHE B 55 13.56 9.77 6.29
N GLY B 56 13.10 11.01 6.21
CA GLY B 56 13.86 12.06 5.56
C GLY B 56 14.15 11.79 4.10
N THR B 57 13.17 11.26 3.37
CA THR B 57 13.31 10.97 1.95
C THR B 57 12.22 11.68 1.17
N ALA B 58 12.59 12.27 0.04
CA ALA B 58 11.66 12.99 -0.82
C ALA B 58 11.91 12.61 -2.27
N ASN B 59 10.85 12.65 -3.08
CA ASN B 59 10.95 12.34 -4.49
C ASN B 59 10.15 13.37 -5.28
N TYR B 60 10.55 13.59 -6.53
CA TYR B 60 9.90 14.55 -7.40
C TYR B 60 9.76 13.95 -8.79
N ALA B 61 8.79 14.46 -9.55
CA ALA B 61 8.62 14.04 -10.93
C ALA B 61 9.76 14.58 -11.79
N GLN B 62 9.91 14.00 -12.98
CA GLN B 62 11.01 14.39 -13.85
C GLN B 62 10.90 15.85 -14.26
N LYS B 63 9.67 16.33 -14.55
CA LYS B 63 9.50 17.72 -14.94
C LYS B 63 9.92 18.67 -13.82
N PHE B 64 9.52 18.37 -12.58
CA PHE B 64 9.79 19.23 -11.45
C PHE B 64 11.09 18.92 -10.73
N GLN B 65 11.84 17.92 -11.18
CA GLN B 65 13.13 17.61 -10.57
C GLN B 65 14.07 18.78 -10.75
N GLY B 66 14.62 19.29 -9.65
CA GLY B 66 15.44 20.49 -9.69
C GLY B 66 14.67 21.79 -9.65
N ARG B 67 13.35 21.74 -9.58
CA ARG B 67 12.52 22.95 -9.51
C ARG B 67 11.56 22.96 -8.33
N VAL B 68 11.11 21.81 -7.84
CA VAL B 68 10.21 21.74 -6.69
C VAL B 68 10.94 21.07 -5.54
N THR B 69 10.80 21.65 -4.35
CA THR B 69 11.38 21.11 -3.13
C THR B 69 10.29 20.94 -2.08
N ILE B 70 10.25 19.76 -1.47
CA ILE B 70 9.25 19.42 -0.46
C ILE B 70 9.97 19.16 0.86
N THR B 71 9.50 19.82 1.92
CA THR B 71 10.10 19.68 3.24
C THR B 71 8.99 19.55 4.27
N ALA B 72 9.39 19.32 5.52
CA ALA B 72 8.46 19.17 6.63
C ALA B 72 9.11 19.68 7.90
N ASP B 73 8.27 20.00 8.89
CA ASP B 73 8.71 20.50 10.18
C ASP B 73 7.94 19.76 11.27
N GLU B 74 8.64 18.92 12.03
CA GLU B 74 7.98 18.15 13.07
C GLU B 74 7.44 19.06 14.17
N SER B 75 8.18 20.10 14.53
CA SER B 75 7.77 20.97 15.63
C SER B 75 6.38 21.54 15.41
N THR B 76 6.02 21.87 14.16
CA THR B 76 4.70 22.38 13.84
C THR B 76 3.90 21.46 12.94
N SER B 77 4.45 20.32 12.52
CA SER B 77 3.74 19.34 11.71
C SER B 77 3.28 19.93 10.37
N THR B 78 3.98 20.92 9.86
CA THR B 78 3.61 21.56 8.61
C THR B 78 4.43 20.96 7.47
N ALA B 79 3.75 20.38 6.49
CA ALA B 79 4.43 19.89 5.30
C ALA B 79 4.59 21.02 4.29
N TYR B 80 5.84 21.25 3.87
CA TYR B 80 6.19 22.39 3.05
C TYR B 80 6.57 21.91 1.66
N MET B 81 6.13 22.66 0.64
CA MET B 81 6.54 22.42 -0.73
C MET B 81 6.74 23.77 -1.40
N GLU B 82 7.81 23.89 -2.17
CA GLU B 82 8.18 25.13 -2.83
C GLU B 82 8.36 24.89 -4.32
N LEU B 83 7.95 25.87 -5.12
CA LEU B 83 8.11 25.83 -6.57
C LEU B 83 8.83 27.10 -7.01
N SER B 84 9.89 26.93 -7.79
CA SER B 84 10.80 28.02 -8.13
C SER B 84 10.65 28.40 -9.60
N SER B 85 11.00 29.65 -9.90
CA SER B 85 10.95 30.18 -11.27
C SER B 85 9.54 30.01 -11.85
N LEU B 86 8.58 30.70 -11.22
CA LEU B 86 7.19 30.60 -11.66
C LEU B 86 7.03 31.11 -13.09
N ARG B 87 6.21 30.40 -13.85
CA ARG B 87 5.82 30.82 -15.19
C ARG B 87 4.34 30.54 -15.38
N SER B 88 3.75 31.20 -16.38
CA SER B 88 2.29 31.24 -16.49
C SER B 88 1.66 29.86 -16.47
N GLU B 89 2.29 28.87 -17.12
CA GLU B 89 1.72 27.53 -17.14
C GLU B 89 1.87 26.80 -15.81
N ASP B 90 2.50 27.41 -14.82
CA ASP B 90 2.50 26.84 -13.47
C ASP B 90 1.19 27.06 -12.73
N THR B 91 0.30 27.89 -13.26
CA THR B 91 -0.98 28.13 -12.61
C THR B 91 -1.76 26.83 -12.48
N ALA B 92 -2.24 26.55 -11.27
CA ALA B 92 -3.00 25.33 -11.01
C ALA B 92 -3.44 25.33 -9.55
N VAL B 93 -4.40 24.48 -9.25
CA VAL B 93 -4.82 24.24 -7.87
C VAL B 93 -3.99 23.10 -7.30
N TYR B 94 -3.36 23.33 -6.17
CA TYR B 94 -2.42 22.39 -5.57
C TYR B 94 -3.06 21.78 -4.33
N TYR B 95 -3.04 20.46 -4.25
CA TYR B 95 -3.68 19.71 -3.17
C TYR B 95 -2.63 19.02 -2.32
N CYS B 96 -2.79 19.07 -1.01
CA CYS B 96 -1.97 18.29 -0.10
C CYS B 96 -2.73 17.05 0.33
N ALA B 97 -2.10 15.89 0.12
CA ALA B 97 -2.77 14.61 0.35
C ALA B 97 -1.85 13.69 1.13
N SER B 98 -2.46 12.74 1.84
CA SER B 98 -1.73 11.80 2.67
C SER B 98 -1.68 10.44 1.99
N LEU B 99 -0.48 9.87 1.91
CA LEU B 99 -0.32 8.56 1.28
C LEU B 99 -0.76 7.45 2.23
N ALA B 100 -1.17 6.33 1.64
CA ALA B 100 -1.41 5.12 2.42
C ALA B 100 -0.20 4.20 2.39
N SER B 101 0.73 4.42 1.46
CA SER B 101 1.90 3.56 1.32
C SER B 101 2.68 3.46 2.62
N TYR B 102 2.89 4.59 3.29
CA TYR B 102 3.68 4.62 4.53
C TYR B 102 2.84 4.04 5.65
N SER B 103 2.62 2.72 5.58
CA SER B 103 1.87 1.99 6.59
C SER B 103 2.03 0.51 6.29
N SER B 104 1.33 -0.32 7.06
CA SER B 104 1.47 -1.77 6.96
C SER B 104 0.78 -2.31 5.72
N GLY B 105 1.54 -2.53 4.64
CA GLY B 105 1.05 -3.22 3.47
C GLY B 105 0.12 -2.42 2.58
N TRP B 106 0.06 -1.10 2.73
CA TRP B 106 -0.79 -0.27 1.89
C TRP B 106 0.03 0.27 0.73
N GLU B 107 -0.61 1.10 -0.10
CA GLU B 107 0.09 1.63 -1.29
C GLU B 107 -0.09 3.14 -1.40
N ASP B 108 0.44 3.73 -2.47
CA ASP B 108 0.56 5.18 -2.61
C ASP B 108 -0.78 5.88 -2.76
N VAL B 109 -1.88 5.15 -2.91
CA VAL B 109 -3.18 5.78 -3.09
C VAL B 109 -3.40 6.83 -2.01
N PHE B 110 -3.94 7.98 -2.41
CA PHE B 110 -4.15 9.12 -1.51
C PHE B 110 -5.50 8.96 -0.84
N ASP B 111 -5.49 8.87 0.49
CA ASP B 111 -6.74 8.66 1.23
C ASP B 111 -7.41 10.00 1.54
N ILE B 112 -6.70 10.88 2.25
CA ILE B 112 -7.24 12.17 2.68
C ILE B 112 -6.61 13.27 1.84
N TRP B 113 -7.45 14.19 1.36
CA TRP B 113 -7.00 15.31 0.55
C TRP B 113 -7.29 16.61 1.27
N GLY B 114 -6.38 17.57 1.13
CA GLY B 114 -6.57 18.88 1.70
C GLY B 114 -7.57 19.71 0.92
N GLN B 115 -7.93 20.85 1.50
CA GLN B 115 -8.88 21.75 0.85
C GLN B 115 -8.33 22.36 -0.44
N GLY B 116 -7.02 22.29 -0.67
CA GLY B 116 -6.43 22.82 -1.88
C GLY B 116 -6.20 24.32 -1.82
N THR B 117 -5.15 24.79 -2.49
CA THR B 117 -4.81 26.20 -2.54
C THR B 117 -4.85 26.68 -3.98
N MET B 118 -5.48 27.84 -4.21
CA MET B 118 -5.52 28.42 -5.54
C MET B 118 -4.25 29.23 -5.79
N VAL B 119 -3.46 28.81 -6.78
CA VAL B 119 -2.24 29.49 -7.17
C VAL B 119 -2.37 29.88 -8.63
N THR B 120 -2.22 31.18 -8.92
CA THR B 120 -2.33 31.69 -10.28
C THR B 120 -1.23 32.71 -10.53
N VAL B 121 -0.81 32.81 -11.78
CA VAL B 121 0.21 33.78 -12.19
C VAL B 121 -0.48 34.86 -13.01
N SER B 122 -0.39 36.10 -12.55
CA SER B 122 -1.02 37.22 -13.23
C SER B 122 -0.52 38.54 -12.67
N ASP C 2 8.03 8.13 -19.31
CA ASP C 2 7.35 7.58 -18.14
C ASP C 2 6.06 6.87 -18.55
N ILE C 3 5.63 5.94 -17.71
CA ILE C 3 4.39 5.20 -17.97
C ILE C 3 3.25 6.18 -18.12
N GLN C 4 2.46 6.00 -19.19
CA GLN C 4 1.35 6.88 -19.51
C GLN C 4 0.07 6.06 -19.64
N MET C 5 -1.04 6.63 -19.20
CA MET C 5 -2.34 5.97 -19.21
C MET C 5 -3.29 6.71 -20.13
N THR C 6 -4.00 5.97 -20.97
CA THR C 6 -5.07 6.54 -21.78
C THR C 6 -6.43 6.12 -21.21
N GLN C 7 -7.25 7.11 -20.87
CA GLN C 7 -8.55 6.88 -20.29
C GLN C 7 -9.63 7.32 -21.26
N SER C 8 -10.54 6.41 -21.58
CA SER C 8 -11.63 6.70 -22.51
C SER C 8 -12.91 6.09 -21.95
N PRO C 9 -14.08 6.65 -22.29
CA PRO C 9 -14.29 7.85 -23.12
C PRO C 9 -13.98 9.13 -22.35
N SER C 10 -13.64 10.21 -23.04
CA SER C 10 -13.36 11.47 -22.36
C SER C 10 -14.58 12.00 -21.64
N SER C 11 -15.77 11.75 -22.18
CA SER C 11 -17.01 12.17 -21.55
C SER C 11 -18.11 11.19 -21.93
N LEU C 12 -18.93 10.83 -20.95
CA LEU C 12 -20.03 9.89 -21.14
C LEU C 12 -21.28 10.48 -20.49
N SER C 13 -22.39 10.46 -21.23
CA SER C 13 -23.67 10.95 -20.75
C SER C 13 -24.64 9.79 -20.63
N ALA C 14 -25.36 9.74 -19.52
CA ALA C 14 -26.29 8.64 -19.26
C ALA C 14 -27.36 9.12 -18.29
N SER C 15 -28.46 8.36 -18.23
CA SER C 15 -29.63 8.73 -17.46
C SER C 15 -29.62 8.05 -16.09
N VAL C 16 -30.64 8.38 -15.29
CA VAL C 16 -30.75 7.80 -13.95
C VAL C 16 -30.93 6.29 -14.06
N GLY C 17 -30.17 5.55 -13.27
CA GLY C 17 -30.24 4.11 -13.28
C GLY C 17 -29.50 3.44 -14.42
N ASP C 18 -28.83 4.22 -15.28
CA ASP C 18 -28.10 3.64 -16.40
C ASP C 18 -26.70 3.23 -15.97
N ARG C 19 -26.30 2.02 -16.38
CA ARG C 19 -24.98 1.53 -16.04
C ARG C 19 -23.91 2.32 -16.79
N VAL C 20 -22.81 2.60 -16.10
CA VAL C 20 -21.70 3.37 -16.65
C VAL C 20 -20.46 2.48 -16.67
N THR C 21 -19.70 2.55 -17.76
CA THR C 21 -18.46 1.81 -17.90
C THR C 21 -17.38 2.76 -18.38
N ILE C 22 -16.26 2.79 -17.65
CA ILE C 22 -15.12 3.65 -17.98
C ILE C 22 -13.90 2.76 -18.14
N THR C 23 -13.18 2.96 -19.24
CA THR C 23 -12.02 2.15 -19.58
C THR C 23 -10.74 2.95 -19.37
N CYS C 24 -9.78 2.34 -18.67
CA CYS C 24 -8.46 2.91 -18.47
C CYS C 24 -7.42 1.91 -18.95
N ARG C 25 -6.51 2.37 -19.81
CA ARG C 25 -5.54 1.50 -20.46
C ARG C 25 -4.14 2.03 -20.17
N ALA C 26 -3.28 1.17 -19.61
CA ALA C 26 -1.91 1.54 -19.36
C ALA C 26 -1.02 1.19 -20.56
N SER C 27 -0.09 2.09 -20.87
CA SER C 27 0.86 1.83 -21.94
C SER C 27 1.84 0.72 -21.59
N GLN C 28 1.94 0.35 -20.32
CA GLN C 28 2.81 -0.73 -19.89
C GLN C 28 2.09 -1.55 -18.82
N GLY C 29 2.30 -2.86 -18.84
CA GLY C 29 1.62 -3.74 -17.91
C GLY C 29 1.86 -3.40 -16.46
N ILE C 30 0.78 -3.32 -15.68
CA ILE C 30 0.84 -3.04 -14.25
C ILE C 30 0.14 -4.16 -13.51
N SER C 31 0.76 -4.62 -12.43
CA SER C 31 0.26 -5.78 -11.67
C SER C 31 -0.88 -5.38 -10.73
N SER C 32 -2.00 -4.94 -11.31
CA SER C 32 -3.22 -4.59 -10.59
C SER C 32 -3.05 -3.37 -9.71
N TRP C 33 -1.94 -2.65 -9.81
CA TRP C 33 -1.71 -1.46 -8.99
C TRP C 33 -2.39 -0.24 -9.60
N LEU C 34 -3.73 -0.21 -9.55
CA LEU C 34 -4.50 0.89 -10.08
C LEU C 34 -5.55 1.32 -9.07
N ALA C 35 -5.86 2.62 -9.08
CA ALA C 35 -6.87 3.19 -8.20
C ALA C 35 -7.74 4.15 -8.99
N TRP C 36 -8.96 4.34 -8.51
CA TRP C 36 -9.94 5.21 -9.13
C TRP C 36 -10.39 6.28 -8.15
N TYR C 37 -10.61 7.49 -8.66
CA TYR C 37 -10.98 8.64 -7.83
C TYR C 37 -12.25 9.27 -8.38
N GLN C 38 -13.00 9.91 -7.48
CA GLN C 38 -14.18 10.68 -7.85
C GLN C 38 -13.97 12.13 -7.42
N GLN C 39 -14.14 13.05 -8.36
CA GLN C 39 -13.93 14.48 -8.11
C GLN C 39 -15.19 15.24 -8.46
N LYS C 40 -15.87 15.76 -7.45
CA LYS C 40 -17.00 16.64 -7.70
C LYS C 40 -16.48 18.01 -8.14
N PRO C 41 -17.29 18.78 -8.87
CA PRO C 41 -16.83 20.09 -9.33
C PRO C 41 -16.40 20.97 -8.16
N GLY C 42 -15.25 21.60 -8.31
CA GLY C 42 -14.74 22.49 -7.28
C GLY C 42 -14.46 21.83 -5.95
N LYS C 43 -14.16 20.54 -5.94
CA LYS C 43 -13.87 19.80 -4.71
C LYS C 43 -12.71 18.84 -4.95
N ALA C 44 -12.07 18.45 -3.85
CA ALA C 44 -10.92 17.56 -3.95
C ALA C 44 -11.37 16.16 -4.38
N PRO C 45 -10.51 15.43 -5.10
CA PRO C 45 -10.88 14.06 -5.49
C PRO C 45 -11.12 13.17 -4.28
N LYS C 46 -12.05 12.23 -4.43
CA LYS C 46 -12.37 11.26 -3.41
C LYS C 46 -11.92 9.88 -3.87
N LEU C 47 -11.20 9.16 -3.01
CA LEU C 47 -10.69 7.84 -3.34
C LEU C 47 -11.84 6.83 -3.23
N LEU C 48 -12.33 6.37 -4.37
CA LEU C 48 -13.42 5.40 -4.42
C LEU C 48 -12.87 3.97 -4.34
N ILE C 49 -11.97 3.63 -5.24
CA ILE C 49 -11.43 2.28 -5.36
C ILE C 49 -9.90 2.38 -5.25
N TYR C 50 -9.34 1.73 -4.22
CA TYR C 50 -7.92 1.85 -3.93
C TYR C 50 -7.07 0.75 -4.56
N ASP C 51 -7.69 -0.37 -4.95
CA ASP C 51 -6.99 -1.43 -5.66
C ASP C 51 -7.80 -1.81 -6.89
N ALA C 52 -7.28 -2.73 -7.68
CA ALA C 52 -7.92 -3.13 -8.93
C ALA C 52 -9.41 -3.35 -8.74
N SER C 53 -9.82 -3.91 -7.60
CA SER C 53 -11.21 -4.19 -7.31
C SER C 53 -11.63 -3.92 -5.87
N ASN C 54 -10.75 -3.34 -5.05
CA ASN C 54 -11.04 -3.15 -3.63
C ASN C 54 -11.74 -1.81 -3.43
N LEU C 55 -12.93 -1.84 -2.82
CA LEU C 55 -13.63 -0.62 -2.49
C LEU C 55 -13.20 -0.11 -1.13
N GLU C 56 -13.01 1.20 -1.02
CA GLU C 56 -12.62 1.81 0.24
C GLU C 56 -13.79 1.81 1.22
N THR C 57 -13.47 1.89 2.51
CA THR C 57 -14.49 1.90 3.54
C THR C 57 -15.42 3.10 3.36
N GLY C 58 -16.72 2.84 3.43
CA GLY C 58 -17.71 3.89 3.29
C GLY C 58 -18.14 4.17 1.86
N VAL C 59 -17.38 3.70 0.86
CA VAL C 59 -17.78 3.90 -0.53
C VAL C 59 -18.94 2.97 -0.86
N PRO C 60 -20.02 3.44 -1.49
CA PRO C 60 -21.13 2.54 -1.81
C PRO C 60 -20.68 1.40 -2.70
N SER C 61 -21.30 0.23 -2.50
CA SER C 61 -21.08 -0.89 -3.41
C SER C 61 -21.57 -0.60 -4.81
N ARG C 62 -22.38 0.46 -4.97
CA ARG C 62 -22.82 0.88 -6.30
C ARG C 62 -21.66 0.95 -7.28
N PHE C 63 -20.47 1.31 -6.80
CA PHE C 63 -19.29 1.36 -7.65
C PHE C 63 -18.58 0.01 -7.68
N SER C 64 -17.85 -0.23 -8.77
CA SER C 64 -17.11 -1.48 -8.92
C SER C 64 -16.00 -1.26 -9.93
N GLY C 65 -15.03 -2.16 -9.92
CA GLY C 65 -13.92 -2.10 -10.84
C GLY C 65 -13.17 -3.41 -10.89
N SER C 66 -12.44 -3.61 -11.98
CA SER C 66 -11.67 -4.82 -12.18
C SER C 66 -10.71 -4.60 -13.35
N GLY C 67 -9.74 -5.48 -13.45
CA GLY C 67 -8.78 -5.43 -14.54
C GLY C 67 -7.40 -5.86 -14.08
N SER C 68 -6.55 -6.10 -15.06
CA SER C 68 -5.16 -6.49 -14.80
C SER C 68 -4.33 -6.18 -16.04
N GLY C 69 -3.02 -6.18 -15.85
CA GLY C 69 -2.14 -5.90 -16.98
C GLY C 69 -2.28 -4.47 -17.45
N THR C 70 -2.68 -4.31 -18.71
CA THR C 70 -2.79 -2.97 -19.28
C THR C 70 -4.20 -2.42 -19.22
N ASP C 71 -5.21 -3.28 -19.39
CA ASP C 71 -6.60 -2.86 -19.50
C ASP C 71 -7.29 -2.98 -18.16
N PHE C 72 -7.95 -1.90 -17.73
CA PHE C 72 -8.76 -1.89 -16.53
C PHE C 72 -10.08 -1.20 -16.82
N THR C 73 -11.11 -1.56 -16.06
CA THR C 73 -12.44 -1.00 -16.22
C THR C 73 -13.06 -0.68 -14.86
N PHE C 74 -13.71 0.47 -14.79
CA PHE C 74 -14.47 0.88 -13.62
C PHE C 74 -15.90 1.17 -14.02
N THR C 75 -16.85 0.65 -13.24
CA THR C 75 -18.25 0.66 -13.62
C THR C 75 -19.11 1.16 -12.47
N ILE C 76 -20.24 1.78 -12.82
CA ILE C 76 -21.26 2.17 -11.86
C ILE C 76 -22.51 1.37 -12.19
N SER C 77 -22.99 0.58 -11.21
CA SER C 77 -24.14 -0.27 -11.45
C SER C 77 -25.40 0.54 -11.74
N SER C 78 -25.47 1.78 -11.27
CA SER C 78 -26.64 2.63 -11.49
C SER C 78 -26.27 4.08 -11.27
N LEU C 79 -26.82 4.98 -12.09
CA LEU C 79 -26.49 6.40 -11.98
C LEU C 79 -27.47 7.10 -11.05
N GLN C 80 -27.06 7.34 -9.80
CA GLN C 80 -27.82 8.23 -8.94
C GLN C 80 -27.40 9.68 -9.19
N PRO C 81 -28.23 10.66 -8.84
CA PRO C 81 -27.83 12.05 -9.07
C PRO C 81 -26.51 12.41 -8.40
N GLU C 82 -26.19 11.80 -7.25
CA GLU C 82 -24.94 12.08 -6.55
C GLU C 82 -23.72 11.50 -7.26
N ASP C 83 -23.90 10.65 -8.27
CA ASP C 83 -22.79 10.03 -8.97
C ASP C 83 -22.29 10.83 -10.16
N ILE C 84 -22.95 11.94 -10.50
CA ILE C 84 -22.52 12.78 -11.62
C ILE C 84 -21.23 13.49 -11.19
N ALA C 85 -20.11 13.05 -11.76
CA ALA C 85 -18.81 13.61 -11.39
C ALA C 85 -17.79 13.22 -12.45
N THR C 86 -16.54 13.59 -12.21
CA THR C 86 -15.43 13.24 -13.08
C THR C 86 -14.54 12.22 -12.38
N TYR C 87 -14.24 11.12 -13.06
CA TYR C 87 -13.48 10.02 -12.50
C TYR C 87 -12.13 9.89 -13.19
N TYR C 88 -11.09 9.67 -12.40
CA TYR C 88 -9.72 9.51 -12.90
C TYR C 88 -9.16 8.18 -12.45
N CYS C 89 -8.41 7.53 -13.35
CA CYS C 89 -7.68 6.33 -13.00
C CYS C 89 -6.22 6.67 -12.74
N GLN C 90 -5.69 6.17 -11.63
CA GLN C 90 -4.33 6.47 -11.19
C GLN C 90 -3.52 5.18 -11.15
N GLN C 91 -2.37 5.20 -11.82
CA GLN C 91 -1.45 4.08 -11.76
C GLN C 91 -0.36 4.36 -10.74
N TYR C 92 -0.11 3.39 -9.86
CA TYR C 92 0.94 3.51 -8.86
C TYR C 92 1.84 2.27 -8.81
N ASP C 93 1.98 1.56 -9.93
CA ASP C 93 2.91 0.44 -9.97
C ASP C 93 4.34 0.93 -9.79
N ASN C 94 4.70 2.05 -10.42
CA ASN C 94 6.03 2.61 -10.32
C ASN C 94 5.94 3.99 -9.70
N LEU C 95 7.10 4.52 -9.32
CA LEU C 95 7.15 5.80 -8.61
C LEU C 95 6.48 6.94 -9.37
N PRO C 96 6.75 7.16 -10.66
CA PRO C 96 6.14 8.32 -11.35
C PRO C 96 4.64 8.12 -11.57
N LEU C 97 3.87 8.38 -10.51
CA LEU C 97 2.43 8.20 -10.56
C LEU C 97 1.82 9.02 -11.69
N THR C 98 0.99 8.38 -12.50
CA THR C 98 0.35 9.01 -13.64
C THR C 98 -1.15 8.86 -13.53
N PHE C 99 -1.87 9.97 -13.64
CA PHE C 99 -3.33 9.94 -13.63
C PHE C 99 -3.87 9.87 -15.04
N GLY C 100 -5.05 9.27 -15.18
CA GLY C 100 -5.69 9.18 -16.47
C GLY C 100 -6.25 10.51 -16.92
N GLY C 101 -6.65 10.54 -18.19
CA GLY C 101 -7.22 11.76 -18.76
C GLY C 101 -8.51 12.21 -18.10
N GLY C 102 -9.19 11.32 -17.40
CA GLY C 102 -10.44 11.66 -16.73
C GLY C 102 -11.64 11.43 -17.61
N THR C 103 -12.79 11.18 -17.00
CA THR C 103 -14.05 10.93 -17.71
C THR C 103 -15.14 11.76 -17.06
N LYS C 104 -15.61 12.78 -17.77
CA LYS C 104 -16.68 13.64 -17.27
C LYS C 104 -18.02 12.94 -17.49
N VAL C 105 -18.79 12.79 -16.41
CA VAL C 105 -20.09 12.14 -16.45
C VAL C 105 -21.17 13.21 -16.42
N GLU C 106 -22.15 13.09 -17.32
CA GLU C 106 -23.23 14.04 -17.45
C GLU C 106 -24.56 13.31 -17.40
N ILE C 107 -25.55 13.94 -16.78
CA ILE C 107 -26.88 13.36 -16.68
C ILE C 107 -27.59 13.44 -18.03
#